data_5EWN
#
_entry.id   5EWN
#
_cell.length_a   66.243
_cell.length_b   71.098
_cell.length_c   158.911
_cell.angle_alpha   90.00
_cell.angle_beta   90.00
_cell.angle_gamma   90.00
#
_symmetry.space_group_name_H-M   'P 21 21 21'
#
loop_
_entity.id
_entity.type
_entity.pdbx_description
1 polymer 'Structural protein'
2 non-polymer 'CHLORIDE ION'
3 water water
#
_entity_poly.entity_id   1
_entity_poly.type   'polypeptide(L)'
_entity_poly.pdbx_seq_one_letter_code
;MAICQRATATLGTVGSNTSGTTEIEACILLNPVLVKDATGSTQFGPVQALGAQYSMWKLKYLNVKLTSMVGASAVNGTVL
RVSLNPTSTPSSTSWSGLGARKHLDVTVGKNATFKLKPSDLGGPRDGWWLTNTNDNASDTLGPSIEIHTLGRTMSSYKNE
QFTGGLFLVELASEWCFTGYAANPNLVNLVKSTDNQVPVTFEGSAGSPLIMNVSEGSHFARTVLARSTTPTTLARAGERT
TSDTVWQVLNTAVSAAELVTPPPFNWLVKGGWWFVKLIAGRTRTGSRSFYVYPSYQDALSNKPALCTGSTPGGMRTRNPV
TTTLQFTQMNQPSLGHGEAPAAIGRSIPAPGAAAELALVPRGSSAHHHHHHHHHH
;
_entity_poly.pdbx_strand_id   A,B
#
# COMPACT_ATOMS: atom_id res chain seq x y z
N ALA A 2 -8.00 9.31 -19.21
CA ALA A 2 -6.61 8.96 -18.93
C ALA A 2 -5.66 9.38 -20.06
N ILE A 3 -4.40 9.55 -19.70
CA ILE A 3 -3.38 9.91 -20.66
C ILE A 3 -2.41 8.74 -20.86
N CYS A 4 -2.04 8.46 -22.09
CA CYS A 4 -1.18 7.33 -22.37
C CYS A 4 0.18 7.69 -22.87
N GLN A 5 1.12 6.79 -22.70
CA GLN A 5 2.48 6.97 -23.11
C GLN A 5 3.13 5.66 -23.48
N ARG A 6 3.48 5.53 -24.73
CA ARG A 6 4.10 4.33 -25.22
C ARG A 6 5.59 4.45 -25.14
N ALA A 7 6.28 3.33 -24.97
CA ALA A 7 7.71 3.33 -24.90
C ALA A 7 8.33 1.98 -25.20
N THR A 8 9.39 1.98 -25.98
CA THR A 8 10.09 0.74 -26.31
C THR A 8 11.58 0.98 -26.12
N ALA A 9 12.23 0.08 -25.41
CA ALA A 9 13.65 0.26 -25.13
C ALA A 9 14.34 -1.07 -24.99
N THR A 10 15.63 -1.07 -25.30
CA THR A 10 16.50 -2.18 -25.00
C THR A 10 16.95 -1.98 -23.58
N LEU A 11 16.83 -3.02 -22.76
CA LEU A 11 17.18 -2.90 -21.34
C LEU A 11 18.60 -3.34 -21.01
N GLY A 12 19.16 -4.23 -21.82
CA GLY A 12 20.47 -4.77 -21.54
C GLY A 12 20.56 -6.18 -22.08
N THR A 13 21.44 -6.98 -21.50
CA THR A 13 21.72 -8.29 -22.06
C THR A 13 21.68 -9.38 -21.01
N VAL A 14 21.33 -10.58 -21.47
CA VAL A 14 21.39 -11.75 -20.62
C VAL A 14 22.68 -12.50 -20.94
N GLY A 15 23.45 -12.80 -19.91
CA GLY A 15 24.71 -13.45 -20.12
C GLY A 15 24.60 -14.95 -20.02
N SER A 16 25.74 -15.60 -20.27
CA SER A 16 25.87 -17.05 -20.22
C SER A 16 25.77 -17.56 -18.83
N ASN A 17 25.28 -18.79 -18.72
CA ASN A 17 25.17 -19.45 -17.44
C ASN A 17 26.49 -20.19 -17.21
N THR A 18 27.22 -19.73 -16.21
CA THR A 18 28.53 -20.30 -15.89
C THR A 18 28.53 -21.24 -14.69
N SER A 19 27.44 -21.28 -13.93
CA SER A 19 27.39 -22.07 -12.70
C SER A 19 26.71 -23.42 -12.82
N GLY A 20 25.89 -23.60 -13.85
CA GLY A 20 25.10 -24.81 -14.00
C GLY A 20 23.85 -24.82 -13.15
N THR A 21 23.69 -23.78 -12.34
CA THR A 21 22.49 -23.63 -11.52
C THR A 21 21.55 -22.57 -12.08
N THR A 22 20.40 -22.45 -11.42
CA THR A 22 19.42 -21.43 -11.80
C THR A 22 20.03 -20.07 -11.47
N GLU A 23 20.21 -19.22 -12.48
CA GLU A 23 20.78 -17.90 -12.24
C GLU A 23 19.77 -16.79 -12.56
N ILE A 24 19.71 -15.78 -11.70
CA ILE A 24 18.87 -14.64 -12.01
C ILE A 24 19.69 -13.68 -12.83
N GLU A 25 19.07 -13.13 -13.86
CA GLU A 25 19.75 -12.27 -14.82
C GLU A 25 19.08 -10.93 -14.95
N ALA A 26 17.84 -10.81 -14.52
CA ALA A 26 17.17 -9.52 -14.57
C ALA A 26 16.02 -9.42 -13.59
N CYS A 27 15.78 -8.21 -13.10
CA CYS A 27 14.59 -7.93 -12.34
C CYS A 27 14.10 -6.55 -12.74
N ILE A 28 13.12 -6.54 -13.63
CA ILE A 28 12.64 -5.31 -14.24
C ILE A 28 11.41 -4.73 -13.56
N LEU A 29 11.60 -3.60 -12.88
CA LEU A 29 10.50 -2.88 -12.27
C LEU A 29 9.67 -2.15 -13.32
N LEU A 30 8.35 -2.15 -13.14
CA LEU A 30 7.45 -1.65 -14.17
C LEU A 30 6.80 -0.36 -13.76
N ASN A 31 6.82 -0.05 -12.47
CA ASN A 31 6.28 1.21 -11.97
C ASN A 31 6.94 2.38 -12.71
N PRO A 32 6.13 3.33 -13.22
CA PRO A 32 6.61 4.38 -14.14
C PRO A 32 7.70 5.29 -13.57
N VAL A 33 7.74 5.52 -12.26
CA VAL A 33 8.82 6.35 -11.72
C VAL A 33 10.04 5.51 -11.35
N LEU A 34 9.89 4.20 -11.46
CA LEU A 34 10.96 3.28 -11.11
C LEU A 34 11.59 2.58 -12.30
N VAL A 35 10.91 2.57 -13.44
CA VAL A 35 11.37 1.77 -14.57
C VAL A 35 12.69 2.32 -15.13
N LYS A 36 13.53 1.44 -15.61
CA LYS A 36 14.94 1.72 -15.74
C LYS A 36 15.36 1.65 -17.19
N ASP A 37 16.18 2.61 -17.61
CA ASP A 37 16.75 2.61 -18.95
C ASP A 37 18.09 1.92 -18.99
N ALA A 38 18.57 1.63 -20.19
CA ALA A 38 19.92 1.14 -20.35
C ALA A 38 20.72 2.41 -20.33
N THR A 39 21.99 2.34 -19.98
CA THR A 39 22.78 3.55 -19.85
C THR A 39 22.75 4.33 -21.18
N GLY A 40 22.33 5.57 -21.10
CA GLY A 40 22.26 6.39 -22.28
C GLY A 40 21.06 6.04 -23.09
N SER A 41 19.99 5.63 -22.41
CA SER A 41 18.72 5.32 -23.04
C SER A 41 17.89 6.47 -22.58
N THR A 42 16.85 6.81 -23.32
CA THR A 42 16.02 7.93 -22.95
C THR A 42 14.58 7.64 -23.15
N GLN A 43 14.26 6.42 -23.48
CA GLN A 43 12.90 6.07 -23.77
C GLN A 43 11.90 6.19 -22.65
N PHE A 44 12.34 6.01 -21.42
CA PHE A 44 11.43 6.07 -20.31
C PHE A 44 11.30 7.36 -19.57
N GLY A 45 11.99 8.38 -19.98
CA GLY A 45 11.92 9.72 -19.40
C GLY A 45 10.50 10.27 -19.31
N PRO A 46 9.77 10.24 -20.44
CA PRO A 46 8.37 10.69 -20.44
C PRO A 46 7.49 9.86 -19.52
N VAL A 47 7.83 8.58 -19.38
CA VAL A 47 7.07 7.70 -18.50
C VAL A 47 7.30 8.09 -17.04
N GLN A 48 8.55 8.43 -16.69
CA GLN A 48 8.84 8.89 -15.33
C GLN A 48 8.17 10.21 -15.08
N ALA A 49 8.21 11.08 -16.08
CA ALA A 49 7.63 12.40 -15.93
C ALA A 49 6.15 12.28 -15.61
N LEU A 50 5.41 11.51 -16.41
CA LEU A 50 3.98 11.38 -16.20
C LEU A 50 3.68 10.70 -14.89
N GLY A 51 4.56 9.78 -14.49
CA GLY A 51 4.39 9.05 -13.25
C GLY A 51 4.45 10.00 -12.07
N ALA A 52 5.16 11.10 -12.24
CA ALA A 52 5.27 12.09 -11.18
C ALA A 52 4.14 13.11 -11.19
N GLN A 53 3.29 13.07 -12.22
CA GLN A 53 2.23 14.07 -12.38
C GLN A 53 0.85 13.52 -12.13
N TYR A 54 0.73 12.19 -12.13
CA TYR A 54 -0.56 11.54 -11.95
C TYR A 54 -0.46 10.59 -10.78
N SER A 55 -1.58 10.36 -10.15
CA SER A 55 -1.65 9.55 -8.94
C SER A 55 -1.89 8.06 -9.18
N MET A 56 -2.22 7.68 -10.41
CA MET A 56 -2.58 6.29 -10.72
C MET A 56 -2.07 5.84 -12.09
N TRP A 57 -1.63 4.59 -12.18
CA TRP A 57 -1.09 4.11 -13.44
C TRP A 57 -1.53 2.69 -13.79
N LYS A 58 -1.42 2.37 -15.06
CA LYS A 58 -1.86 1.09 -15.56
C LYS A 58 -0.99 0.71 -16.76
N LEU A 59 -0.96 -0.56 -17.09
CA LEU A 59 -0.35 -1.02 -18.30
C LEU A 59 -1.36 -1.57 -19.24
N LYS A 60 -1.30 -1.15 -20.48
CA LYS A 60 -2.22 -1.61 -21.49
C LYS A 60 -1.76 -2.88 -22.14
N TYR A 61 -0.47 -3.08 -22.24
CA TYR A 61 0.06 -4.30 -22.77
C TYR A 61 1.48 -4.37 -22.30
N LEU A 62 2.10 -5.54 -22.38
CA LEU A 62 3.50 -5.65 -22.04
C LEU A 62 4.15 -6.75 -22.85
N ASN A 63 5.14 -6.36 -23.64
CA ASN A 63 5.94 -7.32 -24.40
C ASN A 63 7.39 -7.25 -23.97
N VAL A 64 7.96 -8.42 -23.65
CA VAL A 64 9.42 -8.52 -23.51
C VAL A 64 9.95 -9.37 -24.66
N LYS A 65 10.69 -8.75 -25.55
CA LYS A 65 11.26 -9.42 -26.67
C LYS A 65 12.66 -9.87 -26.36
N LEU A 66 12.97 -11.11 -26.65
CA LEU A 66 14.28 -11.65 -26.41
C LEU A 66 14.96 -11.99 -27.69
N THR A 67 16.04 -11.30 -27.99
CA THR A 67 16.74 -11.51 -29.23
C THR A 67 18.06 -12.18 -29.06
N SER A 68 18.19 -13.36 -29.60
CA SER A 68 19.42 -14.10 -29.53
C SER A 68 20.63 -13.40 -30.09
N MET A 69 21.72 -13.48 -29.37
CA MET A 69 22.93 -12.89 -29.82
C MET A 69 23.84 -13.95 -30.37
N VAL A 70 23.39 -15.18 -30.39
CA VAL A 70 24.19 -16.27 -30.88
C VAL A 70 23.36 -17.19 -31.71
N GLY A 71 24.01 -18.04 -32.48
CA GLY A 71 23.31 -19.00 -33.33
C GLY A 71 23.07 -20.28 -32.58
N ALA A 72 21.88 -20.85 -32.76
CA ALA A 72 21.43 -22.02 -31.98
C ALA A 72 22.30 -23.26 -32.15
N SER A 73 22.97 -23.39 -33.29
CA SER A 73 23.84 -24.55 -33.53
C SER A 73 25.23 -24.30 -32.98
N ALA A 74 25.54 -23.04 -32.68
CA ALA A 74 26.82 -22.64 -32.08
C ALA A 74 26.86 -22.78 -30.56
N VAL A 75 25.72 -22.57 -29.91
CA VAL A 75 25.67 -22.58 -28.45
C VAL A 75 24.52 -23.46 -27.97
N ASN A 76 24.78 -24.28 -26.96
CA ASN A 76 23.76 -25.19 -26.45
C ASN A 76 23.73 -25.26 -24.92
N GLY A 77 22.65 -25.80 -24.39
CA GLY A 77 22.59 -26.29 -23.03
C GLY A 77 21.93 -25.36 -22.03
N THR A 78 21.41 -24.24 -22.52
CA THR A 78 20.76 -23.27 -21.64
C THR A 78 19.33 -22.96 -22.06
N VAL A 79 18.44 -22.91 -21.07
CA VAL A 79 17.07 -22.46 -21.28
C VAL A 79 16.87 -21.15 -20.57
N LEU A 80 16.25 -20.19 -21.24
CA LEU A 80 15.92 -18.92 -20.60
C LEU A 80 14.44 -18.89 -20.23
N ARG A 81 14.15 -18.37 -19.05
CA ARG A 81 12.79 -18.29 -18.57
C ARG A 81 12.50 -16.87 -18.13
N VAL A 82 11.68 -16.16 -18.91
CA VAL A 82 11.21 -14.85 -18.47
C VAL A 82 9.86 -14.99 -17.81
N SER A 83 9.68 -14.38 -16.65
CA SER A 83 8.43 -14.57 -15.94
C SER A 83 7.85 -13.30 -15.32
N LEU A 84 6.58 -13.36 -14.98
CA LEU A 84 5.89 -12.23 -14.36
C LEU A 84 5.83 -12.40 -12.85
N ASN A 85 6.39 -11.43 -12.16
CA ASN A 85 6.24 -11.33 -10.71
C ASN A 85 5.13 -10.33 -10.43
N PRO A 86 3.93 -10.83 -10.09
CA PRO A 86 2.74 -9.96 -10.08
C PRO A 86 2.85 -8.75 -9.14
N THR A 87 3.55 -8.89 -8.03
CA THR A 87 3.62 -7.86 -6.99
C THR A 87 5.00 -7.27 -6.71
N SER A 88 5.97 -7.61 -7.51
CA SER A 88 7.35 -7.19 -7.30
C SER A 88 7.81 -7.61 -5.92
N THR A 89 7.48 -8.84 -5.54
CA THR A 89 7.82 -9.31 -4.20
C THR A 89 8.83 -10.44 -4.27
N PRO A 90 9.94 -10.30 -3.53
CA PRO A 90 10.92 -11.37 -3.47
C PRO A 90 10.26 -12.63 -2.90
N SER A 91 10.76 -13.76 -3.28
CA SER A 91 10.23 -14.99 -2.80
C SER A 91 11.32 -16.00 -2.82
N SER A 92 11.05 -17.15 -2.24
CA SER A 92 11.98 -18.24 -2.22
C SER A 92 11.45 -19.15 -3.27
N THR A 93 12.01 -19.09 -4.45
CA THR A 93 11.51 -19.87 -5.54
C THR A 93 12.58 -20.78 -6.14
N SER A 94 12.17 -21.64 -7.05
CA SER A 94 13.04 -22.56 -7.68
C SER A 94 12.71 -22.42 -9.11
N TRP A 95 13.37 -23.16 -9.97
CA TRP A 95 13.08 -23.13 -11.36
C TRP A 95 11.64 -23.57 -11.61
N SER A 96 11.17 -24.50 -10.82
CA SER A 96 9.85 -25.04 -10.91
C SER A 96 8.81 -24.06 -10.44
N GLY A 97 9.15 -23.30 -9.42
CA GLY A 97 8.31 -22.23 -8.96
C GLY A 97 8.14 -21.16 -10.03
N LEU A 98 9.25 -20.80 -10.66
CA LEU A 98 9.22 -19.87 -11.77
C LEU A 98 8.24 -20.37 -12.83
N GLY A 99 8.26 -21.68 -13.09
CA GLY A 99 7.37 -22.29 -14.08
C GLY A 99 5.90 -22.21 -13.72
N ALA A 100 5.60 -21.99 -12.45
CA ALA A 100 4.22 -21.84 -12.01
C ALA A 100 3.69 -20.41 -12.26
N ARG A 101 4.58 -19.48 -12.54
CA ARG A 101 4.20 -18.14 -12.89
C ARG A 101 3.84 -18.08 -14.33
N LYS A 102 3.31 -16.97 -14.75
CA LYS A 102 3.17 -16.67 -16.16
C LYS A 102 4.54 -16.46 -16.68
N HIS A 103 4.90 -17.17 -17.72
CA HIS A 103 6.25 -17.22 -18.16
C HIS A 103 6.39 -17.74 -19.54
N LEU A 104 7.54 -17.48 -20.10
CA LEU A 104 7.92 -18.02 -21.40
C LEU A 104 9.33 -18.63 -21.34
N ASP A 105 9.50 -19.82 -21.89
CA ASP A 105 10.84 -20.40 -22.01
C ASP A 105 11.41 -20.16 -23.41
N VAL A 106 12.72 -19.94 -23.45
CA VAL A 106 13.42 -19.62 -24.68
C VAL A 106 14.72 -20.41 -24.76
N THR A 107 14.89 -21.09 -25.88
CA THR A 107 16.10 -21.86 -26.17
C THR A 107 17.21 -20.91 -26.60
N VAL A 108 18.44 -21.15 -26.13
CA VAL A 108 19.57 -20.38 -26.66
C VAL A 108 19.67 -20.47 -28.18
N GLY A 109 19.83 -19.32 -28.81
CA GLY A 109 19.94 -19.22 -30.26
C GLY A 109 18.62 -18.91 -30.93
N LYS A 110 17.57 -18.73 -30.13
CA LYS A 110 16.24 -18.52 -30.70
C LYS A 110 15.72 -17.16 -30.27
N ASN A 111 14.80 -16.60 -31.04
CA ASN A 111 14.12 -15.39 -30.60
C ASN A 111 12.73 -15.74 -30.07
N ALA A 112 12.19 -14.85 -29.24
CA ALA A 112 10.86 -15.06 -28.70
C ALA A 112 10.39 -13.79 -28.05
N THR A 113 9.07 -13.64 -27.96
CA THR A 113 8.49 -12.50 -27.26
C THR A 113 7.49 -12.96 -26.24
N PHE A 114 7.68 -12.51 -25.00
CA PHE A 114 6.76 -12.71 -23.91
C PHE A 114 5.71 -11.62 -23.97
N LYS A 115 4.46 -11.98 -24.26
CA LYS A 115 3.37 -10.99 -24.32
C LYS A 115 2.38 -11.14 -23.16
N LEU A 116 2.09 -10.03 -22.48
CA LEU A 116 1.15 -10.02 -21.34
C LEU A 116 -0.03 -9.08 -21.55
N LYS A 117 -1.23 -9.50 -21.11
CA LYS A 117 -2.44 -8.70 -21.26
C LYS A 117 -2.71 -7.87 -19.99
N PRO A 118 -3.62 -6.88 -20.06
CA PRO A 118 -3.98 -6.14 -18.84
C PRO A 118 -4.49 -7.02 -17.67
N SER A 119 -5.30 -8.02 -17.98
CA SER A 119 -5.70 -9.06 -17.01
C SER A 119 -4.51 -9.53 -16.14
N ASP A 120 -3.35 -9.67 -16.76
CA ASP A 120 -2.16 -10.16 -16.07
C ASP A 120 -1.48 -9.05 -15.28
N LEU A 121 -1.83 -7.80 -15.57
CA LEU A 121 -1.02 -6.68 -15.10
C LEU A 121 -1.82 -5.73 -14.22
N GLY A 122 -3.12 -6.01 -14.08
CA GLY A 122 -4.02 -5.13 -13.36
C GLY A 122 -3.74 -4.90 -11.89
N GLY A 123 -3.90 -3.64 -11.48
CA GLY A 123 -3.76 -3.27 -10.09
C GLY A 123 -5.08 -3.41 -9.35
N PRO A 124 -5.04 -3.21 -8.04
CA PRO A 124 -6.16 -3.37 -7.11
C PRO A 124 -7.17 -2.21 -7.14
N ARG A 125 -6.77 -1.07 -7.69
CA ARG A 125 -7.68 0.07 -7.78
C ARG A 125 -8.42 0.05 -9.12
N ASP A 126 -9.41 -0.84 -9.21
CA ASP A 126 -10.15 -1.12 -10.45
C ASP A 126 -9.24 -1.27 -11.66
N GLY A 127 -8.21 -2.10 -11.52
CA GLY A 127 -7.25 -2.31 -12.60
C GLY A 127 -6.04 -1.40 -12.50
N TRP A 128 -6.12 -0.37 -11.67
CA TRP A 128 -5.04 0.61 -11.58
C TRP A 128 -4.16 0.41 -10.37
N TRP A 129 -2.96 0.97 -10.46
CA TRP A 129 -2.02 1.06 -9.37
C TRP A 129 -1.81 2.51 -9.00
N LEU A 130 -1.36 2.73 -7.77
CA LEU A 130 -0.93 4.04 -7.32
C LEU A 130 0.53 4.29 -7.78
N THR A 131 0.83 5.52 -8.12
CA THR A 131 2.16 5.92 -8.56
C THR A 131 3.11 6.24 -7.42
N ASN A 132 2.58 6.82 -6.36
CA ASN A 132 3.43 7.40 -5.34
C ASN A 132 4.05 6.35 -4.44
N THR A 133 5.33 6.09 -4.70
CA THR A 133 6.09 5.08 -3.98
C THR A 133 6.52 5.52 -2.59
N ASN A 134 6.31 6.80 -2.27
CA ASN A 134 6.54 7.28 -0.92
C ASN A 134 5.52 6.78 0.11
N ASP A 135 4.30 6.49 -0.32
CA ASP A 135 3.21 6.36 0.62
C ASP A 135 2.64 4.96 0.79
N ASN A 136 2.92 4.07 -0.15
CA ASN A 136 2.39 2.72 -0.03
C ASN A 136 3.16 1.78 -0.93
N ALA A 137 3.14 0.48 -0.64
CA ALA A 137 3.80 -0.49 -1.51
C ALA A 137 2.82 -1.40 -2.22
N SER A 138 1.99 -2.04 -1.42
CA SER A 138 1.08 -3.07 -1.89
C SER A 138 0.19 -2.61 -3.05
N ASP A 139 -0.31 -1.38 -3.00
CA ASP A 139 -1.21 -0.90 -4.04
C ASP A 139 -0.45 -0.02 -5.03
N THR A 140 0.88 -0.01 -4.93
CA THR A 140 1.67 0.99 -5.62
C THR A 140 2.76 0.43 -6.51
N LEU A 141 3.55 -0.50 -5.97
CA LEU A 141 4.73 -1.00 -6.67
C LEU A 141 4.41 -1.70 -7.98
N GLY A 142 3.39 -2.55 -7.99
CA GLY A 142 3.01 -3.27 -9.20
C GLY A 142 3.92 -4.42 -9.62
N PRO A 143 3.74 -4.91 -10.84
CA PRO A 143 4.45 -6.10 -11.31
C PRO A 143 5.89 -5.88 -11.80
N SER A 144 6.60 -6.99 -11.87
CA SER A 144 7.97 -7.04 -12.36
C SER A 144 8.15 -8.15 -13.35
N ILE A 145 9.13 -7.97 -14.23
CA ILE A 145 9.58 -9.02 -15.10
C ILE A 145 10.90 -9.54 -14.55
N GLU A 146 10.96 -10.84 -14.25
CA GLU A 146 12.22 -11.46 -13.87
C GLU A 146 12.68 -12.39 -15.00
N ILE A 147 13.99 -12.49 -15.15
CA ILE A 147 14.61 -13.41 -16.10
C ILE A 147 15.61 -14.34 -15.41
N HIS A 148 15.43 -15.64 -15.60
CA HIS A 148 16.39 -16.59 -15.09
C HIS A 148 16.88 -17.49 -16.20
N THR A 149 17.88 -18.31 -15.89
CA THR A 149 18.41 -19.26 -16.84
C THR A 149 18.79 -20.52 -16.12
N LEU A 150 18.75 -21.62 -16.87
CA LEU A 150 19.06 -22.92 -16.34
C LEU A 150 19.96 -23.62 -17.34
N GLY A 151 20.96 -24.32 -16.84
CA GLY A 151 21.88 -25.08 -17.67
C GLY A 151 23.13 -24.34 -18.11
N ARG A 152 24.28 -24.99 -17.91
CA ARG A 152 25.56 -24.38 -18.23
C ARG A 152 25.64 -24.13 -19.74
N THR A 153 25.89 -22.88 -20.08
CA THR A 153 25.97 -22.46 -21.47
C THR A 153 27.28 -22.95 -22.10
N MET A 154 27.15 -23.74 -23.16
CA MET A 154 28.27 -24.40 -23.80
C MET A 154 28.45 -24.03 -25.25
N SER A 155 29.70 -23.89 -25.67
CA SER A 155 30.02 -23.72 -27.08
C SER A 155 29.97 -25.09 -27.70
N SER A 156 29.25 -25.24 -28.79
CA SER A 156 29.14 -26.55 -29.36
C SER A 156 30.36 -26.97 -30.16
N TYR A 157 31.07 -26.04 -30.76
CA TYR A 157 32.28 -26.35 -31.47
C TYR A 157 33.35 -26.93 -30.56
N LYS A 158 33.61 -26.28 -29.44
CA LYS A 158 34.66 -26.76 -28.57
C LYS A 158 34.20 -27.63 -27.41
N ASN A 159 32.93 -27.93 -27.34
CA ASN A 159 32.26 -28.42 -26.13
C ASN A 159 32.87 -27.84 -24.84
N GLU A 160 32.95 -26.51 -24.81
CA GLU A 160 33.48 -25.75 -23.67
C GLU A 160 32.45 -24.77 -23.11
N GLN A 161 32.71 -24.30 -21.90
CA GLN A 161 31.99 -23.19 -21.31
C GLN A 161 31.99 -21.99 -22.25
N PHE A 162 30.83 -21.42 -22.50
CA PHE A 162 30.71 -20.20 -23.27
C PHE A 162 30.51 -19.02 -22.33
N THR A 163 30.97 -17.81 -22.68
CA THR A 163 30.80 -16.69 -21.73
C THR A 163 30.25 -15.39 -22.28
N GLY A 164 29.87 -15.35 -23.54
CA GLY A 164 29.28 -14.12 -24.06
C GLY A 164 27.81 -13.88 -23.71
N GLY A 165 27.33 -12.70 -24.08
CA GLY A 165 25.91 -12.41 -24.02
C GLY A 165 25.11 -13.38 -24.89
N LEU A 166 23.89 -13.70 -24.44
CA LEU A 166 23.05 -14.63 -25.16
C LEU A 166 21.85 -13.95 -25.76
N PHE A 167 21.31 -12.96 -25.06
CA PHE A 167 20.09 -12.32 -25.53
C PHE A 167 20.07 -10.80 -25.37
N LEU A 168 19.55 -10.14 -26.38
CA LEU A 168 19.14 -8.76 -26.20
C LEU A 168 17.76 -8.80 -25.58
N VAL A 169 17.53 -7.86 -24.67
CA VAL A 169 16.26 -7.79 -23.99
C VAL A 169 15.57 -6.47 -24.30
N GLU A 170 14.41 -6.53 -24.92
CA GLU A 170 13.66 -5.34 -25.24
C GLU A 170 12.33 -5.35 -24.53
N LEU A 171 11.92 -4.21 -24.03
CA LEU A 171 10.63 -4.02 -23.37
C LEU A 171 9.75 -3.05 -24.19
N ALA A 172 8.54 -3.47 -24.54
CA ALA A 172 7.57 -2.57 -25.14
C ALA A 172 6.33 -2.50 -24.26
N SER A 173 5.90 -1.29 -23.91
CA SER A 173 4.69 -1.12 -23.12
C SER A 173 4.03 0.21 -23.40
N GLU A 174 2.93 0.43 -22.71
CA GLU A 174 2.16 1.67 -22.81
C GLU A 174 1.58 1.93 -21.44
N TRP A 175 2.05 3.00 -20.80
CA TRP A 175 1.52 3.35 -19.50
C TRP A 175 0.32 4.26 -19.72
N CYS A 176 -0.69 4.08 -18.88
CA CYS A 176 -1.81 5.02 -18.81
C CYS A 176 -1.79 5.65 -17.41
N PHE A 177 -2.23 6.90 -17.33
CA PHE A 177 -2.18 7.65 -16.08
C PHE A 177 -3.48 8.38 -15.88
N THR A 178 -3.88 8.54 -14.64
CA THR A 178 -5.10 9.21 -14.34
C THR A 178 -5.05 9.73 -12.95
N GLY A 179 -5.78 10.79 -12.66
CA GLY A 179 -5.85 11.34 -11.34
C GLY A 179 -4.67 12.23 -11.13
N TYR A 180 -4.71 13.15 -10.18
CA TYR A 180 -3.59 14.07 -10.03
C TYR A 180 -2.83 14.08 -8.77
N ALA A 181 -1.61 14.51 -8.96
CA ALA A 181 -0.62 14.59 -7.96
C ALA A 181 0.28 15.70 -8.40
N ALA A 182 1.02 16.27 -7.47
CA ALA A 182 2.06 17.22 -7.79
C ALA A 182 3.21 16.71 -6.99
N ASN A 183 3.90 15.74 -7.53
CA ASN A 183 5.04 15.10 -6.86
C ASN A 183 6.35 15.14 -7.65
N PRO A 184 6.94 16.33 -7.88
CA PRO A 184 8.22 16.41 -8.61
C PRO A 184 9.38 15.78 -7.83
N ASN A 185 9.06 15.38 -6.60
CA ASN A 185 9.93 14.57 -5.76
C ASN A 185 10.48 13.35 -6.49
N LEU A 186 9.65 12.75 -7.31
CA LEU A 186 9.92 11.44 -7.79
C LEU A 186 10.40 11.44 -9.20
N VAL A 187 10.83 12.58 -9.68
CA VAL A 187 11.30 12.62 -11.05
C VAL A 187 12.76 12.29 -11.13
N ASN A 188 13.43 12.33 -10.00
CA ASN A 188 14.86 12.18 -10.02
C ASN A 188 15.42 10.98 -9.31
N LEU A 189 14.69 9.90 -9.26
CA LEU A 189 15.09 8.75 -8.47
C LEU A 189 16.34 8.16 -9.03
N VAL A 190 17.24 7.76 -8.15
CA VAL A 190 18.53 7.22 -8.63
C VAL A 190 18.41 5.77 -9.04
N LYS A 191 19.00 5.44 -10.19
CA LYS A 191 19.07 4.07 -10.65
C LYS A 191 20.51 3.82 -11.13
N SER A 192 21.22 2.90 -10.51
CA SER A 192 22.64 2.78 -10.80
C SER A 192 23.18 1.38 -10.59
N THR A 193 24.50 1.24 -10.63
CA THR A 193 25.17 -0.04 -10.48
C THR A 193 26.55 0.16 -9.88
N ASP A 194 26.97 -0.78 -9.04
CA ASP A 194 28.31 -0.77 -8.47
C ASP A 194 28.89 -2.14 -8.75
N ASN A 195 29.96 -2.16 -9.52
CA ASN A 195 30.59 -3.39 -9.91
C ASN A 195 31.66 -3.81 -8.96
N GLN A 196 31.94 -2.97 -7.99
CA GLN A 196 33.02 -3.24 -7.07
C GLN A 196 32.62 -3.03 -5.63
N VAL A 197 31.70 -3.84 -5.15
CA VAL A 197 31.21 -3.66 -3.82
C VAL A 197 31.45 -4.88 -2.94
N PRO A 198 32.20 -4.63 -1.80
CA PRO A 198 32.34 -5.78 -0.90
C PRO A 198 31.19 -5.89 0.08
N VAL A 199 30.68 -7.08 0.34
CA VAL A 199 29.44 -7.18 1.10
C VAL A 199 29.48 -8.25 2.23
N THR A 200 28.83 -7.96 3.35
CA THR A 200 28.70 -8.92 4.42
C THR A 200 27.36 -8.80 5.11
N PHE A 201 26.95 -9.84 5.83
CA PHE A 201 25.70 -9.82 6.58
C PHE A 201 25.91 -10.17 8.05
N GLU A 202 25.13 -9.53 8.90
CA GLU A 202 25.27 -9.66 10.34
C GLU A 202 23.91 -9.93 10.93
N GLY A 203 23.88 -10.53 12.12
CA GLY A 203 22.64 -10.65 12.86
C GLY A 203 22.72 -11.62 14.01
N SER A 204 21.73 -11.56 14.89
CA SER A 204 21.61 -12.50 16.01
C SER A 204 20.13 -12.74 16.22
N ALA A 205 19.78 -13.81 16.94
CA ALA A 205 18.38 -14.18 17.13
C ALA A 205 17.51 -13.02 17.58
N GLY A 206 16.47 -12.70 16.82
CA GLY A 206 15.59 -11.60 17.18
C GLY A 206 16.08 -10.22 16.77
N SER A 207 17.24 -10.14 16.17
CA SER A 207 17.68 -8.86 15.71
C SER A 207 17.49 -8.74 14.21
N PRO A 208 17.50 -7.51 13.73
CA PRO A 208 17.36 -7.26 12.29
C PRO A 208 18.56 -7.78 11.49
N LEU A 209 18.32 -8.22 10.27
CA LEU A 209 19.40 -8.62 9.41
C LEU A 209 20.09 -7.38 8.96
N ILE A 210 21.40 -7.37 9.07
CA ILE A 210 22.17 -6.24 8.67
C ILE A 210 23.04 -6.54 7.50
N MET A 211 23.21 -5.58 6.62
CA MET A 211 24.01 -5.72 5.44
C MET A 211 25.10 -4.69 5.52
N ASN A 212 26.35 -5.10 5.42
CA ASN A 212 27.44 -4.16 5.47
C ASN A 212 28.09 -4.05 4.13
N VAL A 213 28.49 -2.84 3.82
CA VAL A 213 29.05 -2.50 2.53
C VAL A 213 30.20 -1.56 2.82
N SER A 214 31.27 -1.63 2.08
CA SER A 214 32.41 -0.80 2.39
C SER A 214 32.17 0.67 2.17
N GLU A 215 32.64 1.49 3.10
CA GLU A 215 32.26 2.88 3.17
C GLU A 215 32.75 3.71 2.00
N GLY A 216 33.78 3.21 1.33
CA GLY A 216 34.32 3.89 0.17
C GLY A 216 33.65 3.56 -1.15
N SER A 217 32.69 2.64 -1.14
CA SER A 217 32.16 2.12 -2.40
C SER A 217 31.16 3.08 -3.06
N HIS A 218 31.04 2.98 -4.39
CA HIS A 218 30.14 3.84 -5.14
C HIS A 218 28.73 3.68 -4.64
N PHE A 219 28.37 2.44 -4.35
CA PHE A 219 27.06 2.14 -3.81
C PHE A 219 26.84 2.90 -2.51
N ALA A 220 27.75 2.68 -1.57
CA ALA A 220 27.64 3.28 -0.24
C ALA A 220 27.63 4.79 -0.28
N ARG A 221 28.51 5.37 -1.10
CA ARG A 221 28.62 6.82 -1.06
C ARG A 221 27.56 7.45 -1.95
N THR A 222 26.90 6.67 -2.78
CA THR A 222 25.69 7.17 -3.43
C THR A 222 24.48 7.18 -2.47
N VAL A 223 24.33 6.11 -1.70
CA VAL A 223 23.18 6.00 -0.82
C VAL A 223 23.15 7.08 0.28
N LEU A 224 24.29 7.41 0.87
CA LEU A 224 24.38 8.44 1.92
C LEU A 224 24.01 9.83 1.41
N ALA A 225 24.43 10.12 0.20
CA ALA A 225 24.16 11.39 -0.42
C ALA A 225 22.68 11.57 -0.70
N ARG A 226 22.05 10.52 -1.16
CA ARG A 226 20.73 10.62 -1.68
C ARG A 226 19.66 10.24 -0.70
N SER A 227 20.03 9.57 0.38
CA SER A 227 19.05 9.20 1.39
C SER A 227 18.83 10.30 2.42
N THR A 228 17.65 10.33 3.00
CA THR A 228 17.34 11.36 3.94
C THR A 228 18.12 10.88 5.16
N THR A 229 17.97 11.54 6.28
CA THR A 229 18.86 11.28 7.38
C THR A 229 18.29 10.32 8.39
N PRO A 230 19.17 9.34 8.79
CA PRO A 230 18.54 8.17 9.41
C PRO A 230 18.11 8.42 10.83
N THR A 231 17.16 9.32 10.97
CA THR A 231 16.70 9.66 12.29
C THR A 231 15.37 9.10 12.73
N THR A 232 14.91 8.05 12.08
CA THR A 232 13.63 7.50 12.45
C THR A 232 13.65 6.23 13.26
N LEU A 233 12.73 6.15 14.22
CA LEU A 233 12.59 5.01 15.10
C LEU A 233 11.37 4.16 14.76
N ALA A 236 12.28 0.63 18.23
CA ALA A 236 12.44 0.87 19.66
C ALA A 236 13.80 0.38 20.16
N GLY A 237 14.02 -0.94 20.15
CA GLY A 237 15.30 -1.50 20.56
C GLY A 237 16.18 -1.73 19.34
N GLU A 238 15.85 -1.01 18.27
CA GLU A 238 16.52 -1.08 16.96
C GLU A 238 17.21 0.23 16.56
N ARG A 239 18.04 0.22 15.56
CA ARG A 239 18.69 1.44 15.20
C ARG A 239 17.70 2.32 14.50
N THR A 240 17.99 3.59 14.36
CA THR A 240 17.16 4.47 13.53
C THR A 240 17.53 4.27 12.07
N THR A 241 16.54 4.30 11.18
CA THR A 241 16.81 4.09 9.76
C THR A 241 16.50 5.33 8.93
N SER A 242 17.06 5.39 7.74
CA SER A 242 16.65 6.41 6.76
C SER A 242 15.27 6.07 6.26
N ASP A 243 14.49 7.07 5.87
CA ASP A 243 13.18 6.78 5.31
C ASP A 243 13.29 6.42 3.82
N THR A 244 14.47 6.64 3.27
CA THR A 244 14.74 6.25 1.91
C THR A 244 15.02 4.75 1.78
N VAL A 245 14.26 4.11 0.91
CA VAL A 245 14.38 2.69 0.62
C VAL A 245 15.12 2.52 -0.71
N TRP A 246 15.93 1.48 -0.79
CA TRP A 246 16.63 1.15 -2.01
C TRP A 246 16.35 -0.30 -2.35
N GLN A 247 16.05 -0.57 -3.61
CA GLN A 247 16.03 -1.96 -4.05
C GLN A 247 17.42 -2.34 -4.51
N VAL A 248 17.87 -3.53 -4.12
CA VAL A 248 19.20 -3.99 -4.45
C VAL A 248 19.06 -5.24 -5.30
N LEU A 249 19.79 -5.29 -6.40
CA LEU A 249 19.76 -6.43 -7.29
C LEU A 249 21.16 -6.93 -7.61
N ASN A 250 21.39 -8.18 -7.26
CA ASN A 250 22.67 -8.81 -7.47
C ASN A 250 22.52 -9.97 -8.40
N THR A 251 22.92 -9.69 -9.60
CA THR A 251 22.84 -10.52 -10.74
C THR A 251 24.05 -11.37 -10.91
N ALA A 252 25.08 -11.13 -10.15
CA ALA A 252 26.30 -11.87 -10.28
C ALA A 252 26.31 -13.21 -9.59
N VAL A 253 27.01 -14.15 -10.18
CA VAL A 253 27.11 -15.47 -9.63
C VAL A 253 27.85 -15.42 -8.32
N SER A 254 28.62 -14.37 -8.13
CA SER A 254 29.30 -14.17 -6.86
C SER A 254 28.29 -13.96 -5.72
N ALA A 255 27.04 -13.72 -6.04
CA ALA A 255 26.03 -13.62 -5.01
C ALA A 255 25.78 -14.97 -4.39
N ALA A 256 26.41 -15.99 -4.95
CA ALA A 256 26.24 -17.32 -4.45
C ALA A 256 27.14 -17.53 -3.27
N GLU A 257 28.13 -16.67 -3.12
CA GLU A 257 29.05 -16.79 -2.03
C GLU A 257 28.71 -15.93 -0.83
N LEU A 258 27.47 -15.51 -0.69
CA LEU A 258 27.12 -14.64 0.41
C LEU A 258 26.42 -15.44 1.43
N VAL A 259 26.93 -15.43 2.63
CA VAL A 259 26.33 -16.17 3.73
C VAL A 259 25.55 -15.23 4.65
N THR A 260 24.49 -15.76 5.18
CA THR A 260 23.58 -15.01 5.97
C THR A 260 23.17 -15.76 7.17
N PRO A 261 22.83 -14.91 8.21
CA PRO A 261 22.34 -15.58 9.40
C PRO A 261 20.98 -16.15 9.07
N PRO A 262 20.54 -17.20 9.83
CA PRO A 262 19.20 -17.66 9.47
C PRO A 262 18.23 -16.60 9.96
N PRO A 263 16.95 -16.50 9.45
CA PRO A 263 16.58 -17.45 8.42
C PRO A 263 16.37 -16.86 7.04
N PHE A 264 17.17 -15.90 6.64
CA PHE A 264 16.99 -15.29 5.35
C PHE A 264 18.06 -15.55 4.31
N ASN A 265 18.69 -16.71 4.29
CA ASN A 265 19.65 -16.93 3.23
C ASN A 265 18.96 -17.00 1.87
N TRP A 266 17.71 -17.46 1.86
CA TRP A 266 16.93 -17.53 0.63
C TRP A 266 16.77 -16.19 -0.06
N LEU A 267 16.52 -15.15 0.74
CA LEU A 267 16.31 -13.81 0.22
C LEU A 267 17.52 -13.25 -0.53
N VAL A 268 18.70 -13.39 0.00
CA VAL A 268 19.88 -12.98 -0.71
C VAL A 268 20.26 -13.90 -1.85
N LYS A 269 19.96 -15.16 -1.70
CA LYS A 269 20.27 -16.15 -2.68
C LYS A 269 19.39 -15.88 -3.89
N GLY A 270 18.19 -15.42 -3.62
CA GLY A 270 17.26 -15.02 -4.65
C GLY A 270 17.70 -13.85 -5.49
N GLY A 271 18.63 -13.08 -5.00
CA GLY A 271 19.25 -12.02 -5.79
C GLY A 271 18.79 -10.58 -5.59
N TRP A 272 17.64 -10.37 -4.97
CA TRP A 272 17.19 -9.00 -4.75
C TRP A 272 16.32 -8.85 -3.53
N TRP A 273 16.41 -7.65 -2.93
CA TRP A 273 15.76 -7.30 -1.66
C TRP A 273 15.79 -5.78 -1.44
N PHE A 274 15.30 -5.36 -0.29
CA PHE A 274 15.25 -3.93 -0.02
C PHE A 274 16.07 -3.58 1.20
N VAL A 275 16.61 -2.37 1.19
CA VAL A 275 17.42 -1.89 2.28
C VAL A 275 17.14 -0.43 2.65
N LYS A 276 17.44 -0.11 3.89
CA LYS A 276 17.45 1.25 4.44
C LYS A 276 18.75 1.46 5.19
N LEU A 277 19.40 2.60 4.93
CA LEU A 277 20.61 2.98 5.67
C LEU A 277 20.31 3.12 7.16
N ILE A 278 21.08 2.46 8.01
CA ILE A 278 20.88 2.60 9.43
C ILE A 278 21.91 3.49 10.05
N ALA A 279 21.55 4.09 11.17
CA ALA A 279 22.42 5.04 11.80
C ALA A 279 23.55 4.39 12.58
N GLY A 280 24.67 5.07 12.64
CA GLY A 280 25.79 4.58 13.41
C GLY A 280 26.55 3.49 12.70
N ARG A 281 27.72 3.14 13.22
CA ARG A 281 28.51 2.11 12.58
C ARG A 281 28.33 0.73 13.18
N THR A 282 28.41 -0.27 12.32
CA THR A 282 28.22 -1.67 12.71
C THR A 282 29.48 -2.50 12.50
N ARG A 283 30.02 -2.46 11.30
CA ARG A 283 31.29 -3.04 11.03
C ARG A 283 32.20 -1.89 10.72
N THR A 284 33.46 -2.01 11.01
CA THR A 284 34.33 -0.87 10.78
C THR A 284 34.56 -0.63 9.30
N GLY A 285 34.72 0.64 8.92
CA GLY A 285 34.97 0.98 7.54
C GLY A 285 33.81 0.70 6.61
N SER A 286 32.65 0.42 7.20
CA SER A 286 31.49 0.05 6.42
C SER A 286 30.30 0.98 6.61
N ARG A 287 29.40 0.98 5.64
CA ARG A 287 28.08 1.53 5.88
C ARG A 287 27.11 0.35 5.99
N SER A 288 26.14 0.48 6.88
CA SER A 288 25.27 -0.64 7.21
C SER A 288 23.81 -0.39 6.88
N PHE A 289 23.10 -1.46 6.56
CA PHE A 289 21.72 -1.35 6.15
C PHE A 289 20.89 -2.39 6.86
N TYR A 290 19.64 -2.06 7.19
CA TYR A 290 18.66 -3.12 7.46
C TYR A 290 18.13 -3.67 6.13
N VAL A 291 17.78 -4.95 6.14
CA VAL A 291 17.31 -5.66 4.97
C VAL A 291 15.82 -5.97 5.15
N TYR A 292 15.04 -5.78 4.10
CA TYR A 292 13.61 -6.04 4.20
C TYR A 292 13.20 -6.91 3.02
N PRO A 293 12.41 -7.98 3.28
CA PRO A 293 12.04 -8.96 2.25
C PRO A 293 10.89 -8.54 1.34
N SER A 294 10.36 -7.34 1.55
CA SER A 294 9.33 -6.77 0.68
C SER A 294 9.40 -5.27 0.80
N TYR A 295 8.83 -4.57 -0.18
CA TYR A 295 8.87 -3.12 -0.15
C TYR A 295 7.95 -2.60 0.96
N GLN A 296 6.85 -3.29 1.24
CA GLN A 296 5.95 -2.81 2.26
C GLN A 296 6.63 -2.88 3.62
N ASP A 297 7.34 -3.98 3.86
CA ASP A 297 8.10 -4.15 5.09
C ASP A 297 9.10 -3.01 5.28
N ALA A 298 9.72 -2.59 4.20
CA ALA A 298 10.67 -1.48 4.27
C ALA A 298 9.96 -0.20 4.71
N LEU A 299 8.86 0.14 4.04
CA LEU A 299 8.11 1.33 4.37
C LEU A 299 7.48 1.25 5.76
N SER A 300 7.13 0.04 6.21
CA SER A 300 6.53 -0.10 7.56
C SER A 300 7.56 -0.32 8.66
N ASN A 301 8.83 -0.26 8.35
CA ASN A 301 9.88 -0.52 9.32
C ASN A 301 9.69 -1.82 10.03
N LYS A 302 9.49 -2.85 9.25
CA LYS A 302 9.38 -4.17 9.72
C LYS A 302 10.50 -4.96 9.10
N PRO A 303 11.72 -4.90 9.76
CA PRO A 303 12.83 -5.55 9.07
C PRO A 303 12.85 -7.04 9.18
N ALA A 304 13.61 -7.69 8.31
CA ALA A 304 13.80 -9.12 8.42
C ALA A 304 14.57 -9.41 9.71
N LEU A 305 14.01 -10.26 10.55
CA LEU A 305 14.66 -10.62 11.81
C LEU A 305 15.34 -12.00 11.76
N CYS A 306 16.60 -12.03 12.17
CA CYS A 306 17.37 -13.26 12.18
C CYS A 306 16.92 -14.18 13.31
N THR A 307 17.46 -15.38 13.30
CA THR A 307 17.18 -16.37 14.32
C THR A 307 18.46 -16.99 14.83
N GLY A 308 19.59 -16.48 14.35
CA GLY A 308 20.87 -17.03 14.66
C GLY A 308 21.92 -16.04 14.23
N SER A 309 23.18 -16.45 14.18
CA SER A 309 24.26 -15.51 14.09
C SER A 309 25.11 -15.53 12.86
N THR A 310 25.57 -16.69 12.46
CA THR A 310 26.66 -16.75 11.49
C THR A 310 26.34 -16.06 10.17
N PRO A 319 34.20 -11.16 3.20
CA PRO A 319 33.99 -9.95 2.39
C PRO A 319 34.05 -10.27 0.92
N VAL A 320 32.94 -10.80 0.41
CA VAL A 320 32.79 -11.13 -0.97
C VAL A 320 32.54 -9.88 -1.74
N THR A 321 33.36 -9.61 -2.73
CA THR A 321 33.16 -8.43 -3.53
C THR A 321 32.23 -8.81 -4.65
N THR A 322 31.07 -8.15 -4.75
CA THR A 322 30.09 -8.44 -5.78
C THR A 322 29.64 -7.21 -6.49
N THR A 323 28.64 -7.37 -7.33
CA THR A 323 28.16 -6.26 -8.11
C THR A 323 26.70 -6.01 -7.83
N LEU A 324 26.38 -4.77 -7.55
CA LEU A 324 25.05 -4.40 -7.14
C LEU A 324 24.30 -3.39 -7.94
N GLN A 325 23.21 -3.81 -8.52
CA GLN A 325 22.33 -2.88 -9.20
C GLN A 325 21.39 -2.32 -8.14
N PHE A 326 21.27 -1.01 -8.04
CA PHE A 326 20.42 -0.47 -7.00
C PHE A 326 19.50 0.61 -7.54
N THR A 327 18.34 0.74 -6.91
CA THR A 327 17.31 1.64 -7.37
C THR A 327 16.75 2.41 -6.20
N GLN A 328 16.73 3.74 -6.32
CA GLN A 328 16.13 4.56 -5.29
C GLN A 328 14.62 4.45 -5.42
N MET A 329 14.01 3.84 -4.41
CA MET A 329 12.60 3.50 -4.42
C MET A 329 11.68 4.69 -4.20
N ASN A 330 12.16 5.67 -3.44
CA ASN A 330 11.33 6.79 -3.01
C ASN A 330 12.13 8.08 -2.73
N GLN A 331 11.41 9.15 -2.41
CA GLN A 331 11.99 10.47 -2.08
C GLN A 331 11.07 11.16 -1.08
N PRO A 332 11.31 10.93 0.22
CA PRO A 332 10.39 11.36 1.30
C PRO A 332 10.22 12.89 1.42
N ALA B 2 0.17 18.03 30.33
CA ALA B 2 0.01 16.59 30.12
C ALA B 2 -1.11 15.99 30.97
N ILE B 3 -2.34 16.09 30.47
CA ILE B 3 -3.50 15.54 31.17
C ILE B 3 -4.07 14.33 30.43
N CYS B 4 -4.52 13.34 31.19
CA CYS B 4 -4.95 12.05 30.65
C CYS B 4 -6.39 11.80 31.02
N GLN B 5 -7.09 11.03 30.21
CA GLN B 5 -8.51 10.88 30.41
C GLN B 5 -8.93 9.51 29.96
N ARG B 6 -9.39 8.70 30.90
CA ARG B 6 -9.87 7.36 30.56
C ARG B 6 -11.30 7.49 30.06
N ALA B 7 -11.67 6.62 29.13
CA ALA B 7 -13.01 6.61 28.56
C ALA B 7 -13.36 5.20 28.17
N THR B 8 -14.60 4.83 28.46
CA THR B 8 -15.11 3.53 28.05
C THR B 8 -16.53 3.71 27.52
N ALA B 9 -16.80 3.16 26.33
CA ALA B 9 -18.10 3.35 25.68
C ALA B 9 -18.49 2.19 24.80
N THR B 10 -19.78 2.00 24.61
CA THR B 10 -20.30 1.04 23.63
C THR B 10 -20.41 1.72 22.29
N LEU B 11 -19.84 1.10 21.26
CA LEU B 11 -19.81 1.72 19.95
C LEU B 11 -20.98 1.30 19.06
N GLY B 12 -21.49 0.11 19.30
CA GLY B 12 -22.54 -0.43 18.46
C GLY B 12 -22.46 -1.93 18.30
N THR B 13 -22.93 -2.41 17.15
CA THR B 13 -23.11 -3.84 16.94
C THR B 13 -22.50 -4.28 15.60
N VAL B 14 -21.99 -5.51 15.58
CA VAL B 14 -21.55 -6.12 14.34
C VAL B 14 -22.64 -7.07 13.89
N GLY B 15 -23.02 -7.05 12.64
CA GLY B 15 -24.04 -7.94 12.19
C GLY B 15 -23.60 -9.07 11.33
N SER B 16 -24.58 -9.79 10.82
CA SER B 16 -24.43 -10.99 10.04
C SER B 16 -23.95 -10.80 8.66
N ASN B 17 -23.09 -11.69 8.24
CA ASN B 17 -22.54 -11.77 6.91
C ASN B 17 -23.52 -12.50 6.02
N THR B 18 -24.10 -11.83 5.05
CA THR B 18 -25.07 -12.48 4.18
C THR B 18 -24.51 -12.89 2.81
N SER B 19 -23.33 -12.38 2.46
CA SER B 19 -22.79 -12.61 1.13
C SER B 19 -21.77 -13.73 1.04
N GLY B 20 -21.13 -14.07 2.15
CA GLY B 20 -20.06 -15.06 2.15
C GLY B 20 -18.73 -14.48 1.73
N THR B 21 -18.73 -13.22 1.35
CA THR B 21 -17.49 -12.52 1.03
C THR B 21 -17.12 -11.64 2.20
N THR B 22 -15.98 -11.00 2.10
CA THR B 22 -15.53 -10.08 3.13
C THR B 22 -16.39 -8.81 3.21
N GLU B 23 -17.01 -8.62 4.37
CA GLU B 23 -17.86 -7.47 4.62
C GLU B 23 -17.26 -6.62 5.74
N ILE B 24 -17.28 -5.30 5.57
CA ILE B 24 -16.84 -4.39 6.62
C ILE B 24 -18.03 -4.10 7.52
N GLU B 25 -17.79 -4.02 8.82
CA GLU B 25 -18.87 -3.83 9.78
C GLU B 25 -18.61 -2.65 10.66
N ALA B 26 -17.37 -2.17 10.65
CA ALA B 26 -17.00 -1.00 11.43
C ALA B 26 -15.76 -0.29 10.89
N CYS B 27 -15.75 1.02 11.09
CA CYS B 27 -14.57 1.84 10.87
C CYS B 27 -14.55 2.86 11.99
N ILE B 28 -13.76 2.58 13.02
CA ILE B 28 -13.74 3.37 14.25
C ILE B 28 -12.61 4.39 14.21
N LEU B 29 -12.92 5.67 14.07
CA LEU B 29 -11.88 6.69 14.10
C LEU B 29 -11.45 6.96 15.54
N LEU B 30 -10.16 7.20 15.75
CA LEU B 30 -9.66 7.27 17.12
C LEU B 30 -9.31 8.67 17.58
N ASN B 31 -9.17 9.60 16.63
CA ASN B 31 -8.89 11.00 16.99
C ASN B 31 -9.94 11.48 18.00
N PRO B 32 -9.47 12.19 19.05
CA PRO B 32 -10.30 12.54 20.21
C PRO B 32 -11.52 13.37 19.88
N VAL B 33 -11.49 14.20 18.83
CA VAL B 33 -12.68 14.99 18.51
C VAL B 33 -13.58 14.23 17.54
N LEU B 34 -13.11 13.07 17.07
CA LEU B 34 -13.89 12.32 16.10
C LEU B 34 -14.52 11.06 16.68
N VAL B 35 -13.98 10.55 17.77
CA VAL B 35 -14.40 9.23 18.26
C VAL B 35 -15.85 9.30 18.76
N LYS B 36 -16.52 8.16 18.60
CA LYS B 36 -17.97 8.11 18.44
C LYS B 36 -18.72 7.24 19.46
N ASP B 37 -19.87 7.68 19.91
CA ASP B 37 -20.67 6.80 20.72
C ASP B 37 -21.24 5.68 19.86
N GLN B 43 -20.39 10.05 25.92
CA GLN B 43 -19.57 9.11 26.62
C GLN B 43 -18.11 9.52 26.50
N PHE B 44 -17.83 10.30 25.47
CA PHE B 44 -16.51 10.80 25.22
C PHE B 44 -16.53 12.30 25.30
N GLY B 45 -17.57 12.86 25.86
CA GLY B 45 -17.67 14.28 26.00
C GLY B 45 -16.43 14.88 26.58
N PRO B 46 -15.95 14.22 27.70
CA PRO B 46 -14.71 14.76 28.25
C PRO B 46 -13.53 14.63 27.33
N VAL B 47 -13.48 13.63 26.49
CA VAL B 47 -12.38 13.45 25.57
C VAL B 47 -12.48 14.46 24.42
N GLN B 48 -13.68 14.68 23.94
CA GLN B 48 -13.92 15.63 22.88
C GLN B 48 -13.55 16.99 23.36
N ALA B 49 -13.74 17.20 24.63
CA ALA B 49 -13.47 18.46 25.23
C ALA B 49 -12.02 18.74 25.38
N LEU B 50 -11.22 17.75 25.68
CA LEU B 50 -9.80 17.95 25.86
C LEU B 50 -9.16 18.07 24.52
N GLY B 51 -9.74 17.43 23.56
CA GLY B 51 -9.28 17.47 22.18
C GLY B 51 -9.48 18.83 21.53
N ALA B 52 -10.47 19.57 22.02
CA ALA B 52 -10.75 20.90 21.49
C ALA B 52 -9.90 21.94 22.20
N GLN B 53 -9.14 21.49 23.21
CA GLN B 53 -8.30 22.36 24.06
C GLN B 53 -6.80 22.14 23.86
N TYR B 54 -6.40 21.04 23.26
CA TYR B 54 -4.97 20.78 23.12
C TYR B 54 -4.60 20.52 21.68
N SER B 55 -3.35 20.80 21.33
CA SER B 55 -2.94 20.63 19.93
C SER B 55 -2.43 19.23 19.66
N MET B 56 -2.21 18.46 20.72
CA MET B 56 -1.59 17.17 20.56
C MET B 56 -2.20 16.10 21.43
N TRP B 57 -2.26 14.89 20.88
CA TRP B 57 -2.88 13.79 21.60
C TRP B 57 -2.13 12.50 21.39
N LYS B 58 -2.36 11.54 22.28
CA LYS B 58 -1.71 10.24 22.29
C LYS B 58 -2.68 9.25 22.86
N LEU B 59 -2.49 7.96 22.64
CA LEU B 59 -3.27 6.93 23.36
C LEU B 59 -2.37 6.13 24.30
N LYS B 60 -2.84 5.91 25.52
CA LYS B 60 -2.07 5.13 26.49
C LYS B 60 -2.22 3.67 26.19
N TYR B 61 -3.44 3.27 25.92
CA TYR B 61 -3.75 1.90 25.60
C TYR B 61 -5.04 1.88 24.84
N LEU B 62 -5.34 0.76 24.19
CA LEU B 62 -6.59 0.65 23.46
C LEU B 62 -7.11 -0.77 23.55
N ASN B 63 -8.31 -0.91 24.09
CA ASN B 63 -8.98 -2.22 24.13
C ASN B 63 -10.29 -2.18 23.37
N VAL B 64 -10.48 -3.14 22.47
CA VAL B 64 -11.77 -3.35 21.83
C VAL B 64 -12.39 -4.66 22.29
N LYS B 65 -13.43 -4.56 23.10
CA LYS B 65 -14.09 -5.73 23.60
C LYS B 65 -15.21 -6.17 22.69
N LEU B 66 -15.17 -7.41 22.28
CA LEU B 66 -16.26 -7.92 21.47
C LEU B 66 -17.03 -8.95 22.26
N THR B 67 -18.25 -8.62 22.62
CA THR B 67 -19.10 -9.52 23.39
C THR B 67 -20.15 -10.13 22.50
N SER B 68 -20.14 -11.45 22.42
CA SER B 68 -21.12 -12.18 21.63
C SER B 68 -22.56 -12.01 22.07
N MET B 69 -23.44 -11.89 21.08
CA MET B 69 -24.86 -11.80 21.30
C MET B 69 -25.55 -13.10 20.90
N VAL B 70 -24.80 -14.11 20.45
CA VAL B 70 -25.41 -15.36 20.05
C VAL B 70 -24.68 -16.47 20.70
N GLY B 71 -25.32 -17.63 20.74
CA GLY B 71 -24.73 -18.81 21.33
C GLY B 71 -23.94 -19.52 20.24
N ALA B 72 -22.76 -20.00 20.62
CA ALA B 72 -21.82 -20.54 19.67
C ALA B 72 -22.31 -21.78 18.94
N SER B 73 -23.20 -22.54 19.58
CA SER B 73 -23.73 -23.75 18.97
C SER B 73 -24.97 -23.47 18.12
N ALA B 74 -25.55 -22.30 18.36
CA ALA B 74 -26.73 -21.87 17.59
C ALA B 74 -26.38 -21.20 16.24
N VAL B 75 -25.26 -20.49 16.19
CA VAL B 75 -24.90 -19.75 14.98
C VAL B 75 -23.45 -20.05 14.64
N ASN B 76 -23.17 -20.28 13.37
CA ASN B 76 -21.85 -20.67 12.92
C ASN B 76 -21.43 -20.04 11.60
N GLY B 77 -20.17 -20.17 11.24
CA GLY B 77 -19.72 -19.97 9.88
C GLY B 77 -19.15 -18.61 9.55
N THR B 78 -19.03 -17.75 10.57
CA THR B 78 -18.48 -16.42 10.39
C THR B 78 -17.29 -16.19 11.30
N VAL B 79 -16.23 -15.60 10.73
CA VAL B 79 -15.10 -15.12 11.51
C VAL B 79 -15.11 -13.61 11.47
N LEU B 80 -14.90 -13.01 12.63
CA LEU B 80 -14.77 -11.58 12.78
C LEU B 80 -13.30 -11.25 12.94
N ARG B 81 -12.86 -10.19 12.26
CA ARG B 81 -11.47 -9.78 12.28
C ARG B 81 -11.42 -8.30 12.61
N VAL B 82 -10.95 -7.97 13.83
CA VAL B 82 -10.66 -6.61 14.23
C VAL B 82 -9.21 -6.36 13.93
N SER B 83 -8.94 -5.23 13.28
CA SER B 83 -7.59 -4.91 12.90
C SER B 83 -7.29 -3.45 13.11
N LEU B 84 -6.00 -3.12 13.12
CA LEU B 84 -5.53 -1.76 13.24
C LEU B 84 -5.10 -1.21 11.88
N ASN B 85 -5.77 -0.14 11.44
CA ASN B 85 -5.39 0.61 10.24
C ASN B 85 -4.56 1.82 10.66
N PRO B 86 -3.25 1.74 10.41
CA PRO B 86 -2.29 2.71 10.96
C PRO B 86 -2.61 4.15 10.60
N THR B 87 -3.19 4.39 9.42
CA THR B 87 -3.37 5.77 8.98
C THR B 87 -4.79 6.28 8.78
N SER B 88 -5.79 5.49 9.11
CA SER B 88 -7.18 5.87 8.86
C SER B 88 -7.42 6.21 7.38
N THR B 89 -6.87 5.39 6.48
CA THR B 89 -6.98 5.59 5.04
C THR B 89 -7.66 4.42 4.35
N PRO B 90 -8.65 4.69 3.50
CA PRO B 90 -9.30 3.63 2.73
C PRO B 90 -8.32 2.90 1.82
N SER B 91 -8.54 1.60 1.63
CA SER B 91 -7.75 0.88 0.65
C SER B 91 -8.47 -0.32 0.05
N SER B 92 -7.84 -0.85 -0.96
CA SER B 92 -8.32 -2.03 -1.60
C SER B 92 -7.60 -3.13 -0.92
N THR B 93 -8.25 -3.78 -0.01
CA THR B 93 -7.56 -4.82 0.73
C THR B 93 -8.42 -6.07 0.72
N SER B 94 -7.75 -7.21 0.80
CA SER B 94 -8.42 -8.49 0.86
C SER B 94 -8.41 -9.03 2.29
N TRP B 95 -9.08 -10.17 2.50
CA TRP B 95 -9.06 -10.87 3.78
C TRP B 95 -7.64 -11.11 4.32
N SER B 96 -6.78 -11.68 3.50
CA SER B 96 -5.43 -11.92 3.99
C SER B 96 -4.68 -10.59 4.13
N GLY B 97 -5.02 -9.61 3.30
CA GLY B 97 -4.38 -8.31 3.44
C GLY B 97 -4.70 -7.82 4.85
N LEU B 98 -5.96 -7.94 5.23
CA LEU B 98 -6.36 -7.65 6.60
C LEU B 98 -5.56 -8.45 7.60
N GLY B 99 -5.30 -9.72 7.26
CA GLY B 99 -4.54 -10.58 8.15
C GLY B 99 -3.11 -10.11 8.37
N ALA B 100 -2.62 -9.27 7.46
CA ALA B 100 -1.26 -8.79 7.58
C ALA B 100 -1.14 -7.65 8.58
N ARG B 101 -2.28 -7.04 8.94
CA ARG B 101 -2.30 -5.98 9.96
C ARG B 101 -2.24 -6.60 11.37
N LYS B 102 -2.00 -5.79 12.36
CA LYS B 102 -2.16 -6.21 13.70
C LYS B 102 -3.62 -6.49 13.85
N HIS B 103 -3.97 -7.66 14.33
CA HIS B 103 -5.37 -8.03 14.29
C HIS B 103 -5.73 -9.15 15.24
N LEU B 104 -7.03 -9.33 15.48
CA LEU B 104 -7.52 -10.44 16.29
C LEU B 104 -8.72 -11.08 15.58
N ASP B 105 -8.75 -12.40 15.47
CA ASP B 105 -9.91 -13.13 14.93
C ASP B 105 -10.79 -13.65 16.04
N VAL B 106 -12.09 -13.66 15.82
CA VAL B 106 -13.02 -14.06 16.86
C VAL B 106 -14.11 -14.93 16.26
N THR B 107 -14.45 -15.99 16.94
CA THR B 107 -15.49 -16.88 16.52
C THR B 107 -16.84 -16.37 16.90
N VAL B 108 -17.78 -16.48 16.01
CA VAL B 108 -19.14 -16.15 16.36
C VAL B 108 -19.58 -16.99 17.57
N GLY B 109 -20.10 -16.32 18.60
CA GLY B 109 -20.51 -16.98 19.83
C GLY B 109 -19.50 -16.91 20.97
N LYS B 110 -18.46 -16.12 20.81
CA LYS B 110 -17.44 -16.02 21.82
C LYS B 110 -17.11 -14.58 22.14
N ASN B 111 -16.54 -14.35 23.30
CA ASN B 111 -16.08 -13.01 23.61
C ASN B 111 -14.58 -12.94 23.34
N ALA B 112 -14.05 -11.73 23.19
CA ALA B 112 -12.63 -11.53 22.95
C ALA B 112 -12.31 -10.07 23.09
N THR B 113 -11.06 -9.77 23.44
CA THR B 113 -10.62 -8.41 23.51
C THR B 113 -9.34 -8.22 22.71
N PHE B 114 -9.40 -7.27 21.80
CA PHE B 114 -8.27 -6.79 21.02
C PHE B 114 -7.54 -5.78 21.87
N LYS B 115 -6.29 -6.02 22.18
CA LYS B 115 -5.54 -5.21 23.11
C LYS B 115 -4.34 -4.54 22.48
N LEU B 116 -4.30 -3.22 22.46
CA LEU B 116 -3.22 -2.46 21.79
C LEU B 116 -2.39 -1.58 22.75
N LYS B 117 -1.10 -1.58 22.52
CA LYS B 117 -0.18 -0.83 23.36
C LYS B 117 0.17 0.50 22.75
N PRO B 118 0.98 1.28 23.44
CA PRO B 118 1.38 2.56 22.88
C PRO B 118 2.31 2.32 21.73
N SER B 119 3.05 1.24 21.83
CA SER B 119 3.96 0.84 20.81
C SER B 119 3.24 0.64 19.49
N ASP B 120 1.95 0.45 19.60
CA ASP B 120 1.11 0.22 18.47
C ASP B 120 0.42 1.43 18.00
N LEU B 121 0.29 2.43 18.86
CA LEU B 121 -0.45 3.60 18.51
C LEU B 121 0.26 4.93 18.45
N GLY B 122 1.57 4.95 18.65
CA GLY B 122 2.32 6.19 18.68
C GLY B 122 2.22 7.05 17.42
N GLY B 123 2.19 8.35 17.63
CA GLY B 123 2.19 9.32 16.54
C GLY B 123 3.56 9.76 16.05
N PRO B 124 3.57 10.58 14.99
CA PRO B 124 4.78 11.10 14.31
C PRO B 124 5.45 12.28 14.99
N ARG B 125 4.77 13.01 15.85
CA ARG B 125 5.40 14.12 16.54
C ARG B 125 5.92 13.65 17.85
N ASP B 126 7.00 12.91 17.77
CA ASP B 126 7.61 12.29 18.92
C ASP B 126 6.60 11.56 19.74
N GLY B 127 5.88 10.68 19.06
CA GLY B 127 4.89 9.83 19.67
C GLY B 127 3.52 10.38 19.78
N TRP B 128 3.36 11.63 19.44
CA TRP B 128 2.09 12.34 19.51
C TRP B 128 1.47 12.53 18.14
N TRP B 129 0.15 12.75 18.14
CA TRP B 129 -0.59 13.16 16.95
C TRP B 129 -1.14 14.57 17.17
N LEU B 130 -1.45 15.27 16.08
CA LEU B 130 -2.11 16.56 16.17
C LEU B 130 -3.61 16.40 16.33
N THR B 131 -4.24 17.29 17.08
CA THR B 131 -5.69 17.20 17.26
C THR B 131 -6.45 17.89 16.16
N ASN B 132 -5.89 18.96 15.62
CA ASN B 132 -6.69 19.87 14.80
C ASN B 132 -6.98 19.30 13.41
N THR B 133 -8.18 18.75 13.26
CA THR B 133 -8.55 18.11 12.02
C THR B 133 -8.87 19.14 10.93
N ASN B 134 -8.98 20.40 11.28
CA ASN B 134 -9.22 21.41 10.30
C ASN B 134 -8.03 21.55 9.42
N ASP B 135 -6.90 21.21 9.96
CA ASP B 135 -5.65 21.67 9.47
C ASP B 135 -4.75 20.65 8.82
N ASN B 136 -4.95 19.37 9.04
CA ASN B 136 -4.12 18.39 8.40
C ASN B 136 -4.74 17.02 8.50
N ALA B 137 -4.29 16.10 7.68
CA ALA B 137 -4.79 14.73 7.81
C ALA B 137 -3.70 13.78 8.30
N SER B 138 -2.56 13.80 7.62
CA SER B 138 -1.48 12.83 7.84
C SER B 138 -1.03 12.67 9.29
N ASP B 139 -0.91 13.78 10.01
CA ASP B 139 -0.38 13.75 11.37
C ASP B 139 -1.49 13.93 12.42
N THR B 140 -2.74 13.79 11.97
CA THR B 140 -3.88 14.21 12.77
C THR B 140 -4.89 13.10 13.04
N LEU B 141 -5.29 12.35 12.02
CA LEU B 141 -6.31 11.32 12.20
C LEU B 141 -5.87 10.22 13.17
N GLY B 142 -4.63 9.80 13.05
CA GLY B 142 -4.12 8.72 13.85
C GLY B 142 -4.71 7.42 13.31
N PRO B 143 -4.48 6.32 14.03
CA PRO B 143 -4.93 5.05 13.47
C PRO B 143 -6.43 4.85 13.69
N SER B 144 -7.01 3.91 12.95
CA SER B 144 -8.41 3.62 13.10
C SER B 144 -8.56 2.12 13.35
N ILE B 145 -9.63 1.73 14.02
CA ILE B 145 -9.94 0.33 14.17
C ILE B 145 -11.01 -0.07 13.18
N GLU B 146 -10.71 -1.07 12.38
CA GLU B 146 -11.66 -1.69 11.47
C GLU B 146 -12.11 -3.06 11.89
N ILE B 147 -13.35 -3.40 11.57
CA ILE B 147 -13.86 -4.71 11.83
C ILE B 147 -14.42 -5.30 10.54
N HIS B 148 -14.11 -6.53 10.25
CA HIS B 148 -14.59 -7.18 9.06
C HIS B 148 -15.03 -8.59 9.33
N THR B 149 -15.83 -9.15 8.44
CA THR B 149 -16.28 -10.50 8.63
C THR B 149 -16.12 -11.32 7.39
N LEU B 150 -16.14 -12.63 7.56
CA LEU B 150 -16.02 -13.58 6.48
C LEU B 150 -16.79 -14.84 6.72
N GLY B 151 -17.47 -15.33 5.69
CA GLY B 151 -18.30 -16.53 5.78
C GLY B 151 -19.75 -16.21 6.14
N ARG B 152 -20.70 -16.78 5.45
CA ARG B 152 -22.10 -16.56 5.73
C ARG B 152 -22.56 -16.99 7.10
N THR B 153 -23.16 -16.09 7.83
CA THR B 153 -23.62 -16.41 9.18
C THR B 153 -24.81 -17.37 9.09
N MET B 154 -24.67 -18.57 9.67
CA MET B 154 -25.70 -19.58 9.49
C MET B 154 -26.24 -20.03 10.83
N SER B 155 -27.54 -20.31 10.83
CA SER B 155 -28.21 -20.94 11.95
C SER B 155 -27.97 -22.43 11.90
N SER B 156 -27.73 -23.04 13.05
CA SER B 156 -27.44 -24.48 13.04
C SER B 156 -28.69 -25.31 12.63
N TYR B 157 -29.89 -24.73 12.73
CA TYR B 157 -31.10 -25.37 12.19
C TYR B 157 -31.12 -25.38 10.67
N LYS B 158 -31.08 -26.55 10.10
CA LYS B 158 -31.10 -26.71 8.67
C LYS B 158 -30.21 -25.82 7.87
N ASN B 159 -29.19 -25.27 8.48
CA ASN B 159 -28.26 -24.43 7.76
C ASN B 159 -29.02 -23.35 7.04
N GLU B 160 -29.55 -22.43 7.81
CA GLU B 160 -30.30 -21.33 7.28
C GLU B 160 -29.64 -20.00 7.51
N GLN B 161 -29.92 -19.05 6.65
CA GLN B 161 -29.31 -17.77 6.83
C GLN B 161 -29.76 -17.17 8.12
N PHE B 162 -28.79 -16.76 8.92
CA PHE B 162 -29.09 -16.02 10.13
C PHE B 162 -28.87 -14.52 9.91
N THR B 163 -29.72 -13.70 10.49
CA THR B 163 -29.63 -12.27 10.41
C THR B 163 -29.82 -11.67 11.78
N GLY B 164 -29.01 -10.69 12.12
CA GLY B 164 -29.06 -10.09 13.44
C GLY B 164 -27.68 -9.77 13.93
N GLY B 165 -27.63 -9.02 15.02
CA GLY B 165 -26.37 -8.71 15.64
C GLY B 165 -25.65 -9.94 16.10
N LEU B 166 -24.33 -9.91 15.94
CA LEU B 166 -23.48 -11.01 16.38
C LEU B 166 -22.63 -10.61 17.59
N PHE B 167 -22.18 -9.36 17.62
CA PHE B 167 -21.29 -8.86 18.68
C PHE B 167 -21.62 -7.45 19.14
N LEU B 168 -21.57 -7.26 20.45
CA LEU B 168 -21.51 -5.93 21.01
C LEU B 168 -20.05 -5.47 20.98
N VAL B 169 -19.82 -4.22 20.63
CA VAL B 169 -18.48 -3.64 20.52
C VAL B 169 -18.25 -2.53 21.53
N GLU B 170 -17.37 -2.74 22.49
CA GLU B 170 -17.02 -1.72 23.47
C GLU B 170 -15.59 -1.25 23.31
N LEU B 171 -15.37 0.04 23.49
CA LEU B 171 -14.03 0.58 23.39
C LEU B 171 -13.55 1.12 24.72
N ALA B 172 -12.40 0.66 25.20
CA ALA B 172 -11.86 1.27 26.41
C ALA B 172 -10.47 1.82 26.15
N SER B 173 -10.28 3.10 26.46
CA SER B 173 -8.98 3.70 26.23
C SER B 173 -8.67 4.83 27.19
N GLU B 174 -7.52 5.45 26.98
CA GLU B 174 -7.11 6.61 27.76
C GLU B 174 -6.37 7.52 26.79
N TRP B 175 -6.97 8.68 26.53
CA TRP B 175 -6.34 9.68 25.67
C TRP B 175 -5.48 10.57 26.55
N CYS B 176 -4.34 10.95 26.02
CA CYS B 176 -3.50 11.91 26.68
C CYS B 176 -3.33 13.16 25.79
N PHE B 177 -3.25 14.33 26.42
CA PHE B 177 -3.21 15.60 25.70
C PHE B 177 -2.15 16.54 26.21
N THR B 178 -1.59 17.33 25.33
CA THR B 178 -0.61 18.31 25.67
C THR B 178 -0.59 19.43 24.65
N GLY B 179 -0.16 20.59 25.08
CA GLY B 179 0.01 21.74 24.23
C GLY B 179 -1.24 22.53 24.05
N TYR B 180 -1.49 23.48 24.90
CA TYR B 180 -2.74 24.20 24.88
C TYR B 180 -2.97 24.77 23.51
N ALA B 181 -4.24 24.91 23.18
CA ALA B 181 -4.66 25.35 21.88
C ALA B 181 -6.14 25.50 22.04
N ALA B 182 -6.76 26.35 21.26
CA ALA B 182 -8.16 26.64 21.45
C ALA B 182 -8.81 26.46 20.11
N ASN B 183 -9.65 25.45 19.99
CA ASN B 183 -10.28 25.08 18.76
C ASN B 183 -11.69 24.69 19.10
N PRO B 184 -12.45 25.71 19.63
CA PRO B 184 -13.82 25.34 20.00
C PRO B 184 -14.76 24.96 18.85
N ASN B 185 -14.26 25.06 17.65
CA ASN B 185 -14.98 24.74 16.46
C ASN B 185 -15.15 23.26 16.37
N LEU B 186 -14.19 22.59 16.94
CA LEU B 186 -14.09 21.15 16.90
C LEU B 186 -14.71 20.54 18.17
N VAL B 187 -15.35 21.38 18.98
CA VAL B 187 -15.92 20.91 20.24
C VAL B 187 -17.04 19.90 20.04
N ASN B 188 -17.97 20.16 19.12
CA ASN B 188 -19.12 19.28 19.01
C ASN B 188 -19.39 18.62 17.64
N LEU B 189 -18.35 18.10 16.99
CA LEU B 189 -18.54 17.50 15.66
C LEU B 189 -19.61 16.39 15.70
N VAL B 190 -20.48 16.40 14.70
CA VAL B 190 -21.60 15.47 14.64
C VAL B 190 -21.21 14.05 14.23
N LYS B 191 -21.77 13.06 14.90
CA LYS B 191 -21.64 11.68 14.47
C LYS B 191 -22.98 10.98 14.60
N SER B 192 -23.47 10.40 13.51
CA SER B 192 -24.80 9.81 13.51
C SER B 192 -24.95 8.66 12.52
N THR B 193 -26.19 8.22 12.29
CA THR B 193 -26.44 7.10 11.40
C THR B 193 -27.81 7.23 10.75
N ASP B 194 -27.90 6.78 9.50
CA ASP B 194 -29.12 6.83 8.73
C ASP B 194 -29.35 5.48 8.08
N ASN B 195 -30.46 4.82 8.39
CA ASN B 195 -30.69 3.49 7.86
C ASN B 195 -31.44 3.49 6.59
N GLN B 196 -32.00 4.62 6.22
CA GLN B 196 -32.91 4.71 5.09
C GLN B 196 -32.42 5.73 4.05
N VAL B 197 -31.24 5.56 3.49
CA VAL B 197 -30.70 6.54 2.56
C VAL B 197 -30.57 6.05 1.16
N PRO B 198 -31.37 6.72 0.28
CA PRO B 198 -31.19 6.33 -1.12
C PRO B 198 -29.95 6.97 -1.73
N VAL B 199 -29.10 6.14 -2.29
CA VAL B 199 -27.77 6.55 -2.66
C VAL B 199 -27.53 6.21 -4.12
N THR B 200 -26.83 7.09 -4.81
CA THR B 200 -26.56 6.92 -6.22
C THR B 200 -25.16 7.46 -6.58
N PHE B 201 -24.53 6.88 -7.59
CA PHE B 201 -23.26 7.46 -8.01
C PHE B 201 -23.33 7.83 -9.48
N GLU B 202 -22.64 8.91 -9.80
CA GLU B 202 -22.60 9.53 -11.08
C GLU B 202 -21.17 9.81 -11.49
N GLY B 203 -20.88 9.80 -12.76
CA GLY B 203 -19.59 10.27 -13.20
C GLY B 203 -19.36 9.92 -14.65
N SER B 204 -18.41 10.62 -15.24
CA SER B 204 -18.04 10.37 -16.60
C SER B 204 -16.55 10.54 -16.72
N ALA B 205 -15.96 9.92 -17.74
CA ALA B 205 -14.52 9.93 -17.88
C ALA B 205 -13.95 11.36 -17.73
N GLY B 206 -13.05 11.50 -16.77
CA GLY B 206 -12.40 12.77 -16.46
C GLY B 206 -13.13 13.73 -15.51
N SER B 207 -14.32 13.41 -15.09
CA SER B 207 -14.96 14.28 -14.13
C SER B 207 -14.98 13.68 -12.76
N PRO B 208 -15.21 14.50 -11.75
CA PRO B 208 -15.27 14.00 -10.37
C PRO B 208 -16.43 13.03 -10.17
N LEU B 209 -16.15 12.00 -9.39
CA LEU B 209 -17.15 11.07 -8.93
C LEU B 209 -18.19 11.80 -8.08
N ILE B 210 -19.46 11.57 -8.34
CA ILE B 210 -20.50 12.15 -7.54
C ILE B 210 -21.34 11.12 -6.85
N MET B 211 -21.62 11.37 -5.59
CA MET B 211 -22.59 10.66 -4.81
C MET B 211 -23.84 11.50 -4.65
N ASN B 212 -24.97 10.98 -5.07
CA ASN B 212 -26.25 11.62 -4.84
C ASN B 212 -27.02 10.99 -3.74
N VAL B 213 -27.75 11.81 -3.02
CA VAL B 213 -28.48 11.37 -1.85
C VAL B 213 -29.80 12.13 -1.79
N SER B 214 -30.85 11.51 -1.34
CA SER B 214 -32.13 12.15 -1.30
C SER B 214 -32.27 13.08 -0.12
N GLU B 215 -32.94 14.19 -0.31
CA GLU B 215 -33.09 15.15 0.75
C GLU B 215 -33.98 14.67 1.88
N GLY B 216 -34.76 13.63 1.67
CA GLY B 216 -35.68 13.16 2.69
C GLY B 216 -34.94 12.39 3.77
N SER B 217 -33.64 12.25 3.58
CA SER B 217 -32.81 11.47 4.49
C SER B 217 -32.35 12.25 5.72
N HIS B 218 -32.11 11.54 6.80
CA HIS B 218 -31.61 12.14 8.00
C HIS B 218 -30.22 12.60 7.75
N PHE B 219 -29.53 11.83 6.92
CA PHE B 219 -28.17 12.16 6.49
C PHE B 219 -28.13 13.52 5.75
N ALA B 220 -28.94 13.68 4.71
CA ALA B 220 -28.94 14.92 3.95
C ALA B 220 -29.26 16.08 4.85
N ARG B 221 -30.20 15.89 5.75
CA ARG B 221 -30.64 16.94 6.61
C ARG B 221 -29.60 17.35 7.59
N THR B 222 -28.82 16.42 8.09
CA THR B 222 -27.72 16.72 8.99
C THR B 222 -26.55 17.43 8.30
N VAL B 223 -26.17 16.96 7.12
CA VAL B 223 -25.09 17.58 6.36
C VAL B 223 -25.43 19.02 5.98
N LEU B 224 -26.68 19.27 5.67
CA LEU B 224 -27.09 20.60 5.33
C LEU B 224 -27.09 21.55 6.47
N ALA B 225 -27.40 21.04 7.63
CA ALA B 225 -27.45 21.87 8.79
C ALA B 225 -26.09 22.11 9.36
N ARG B 226 -25.14 21.29 8.99
CA ARG B 226 -23.85 21.35 9.63
C ARG B 226 -22.68 21.74 8.78
N SER B 227 -22.81 21.59 7.49
CA SER B 227 -21.72 21.91 6.61
C SER B 227 -21.66 23.39 6.49
N THR B 228 -20.47 23.95 6.38
CA THR B 228 -20.31 25.39 6.24
C THR B 228 -20.55 25.93 4.83
N THR B 229 -20.96 27.19 4.75
CA THR B 229 -21.21 27.85 3.47
C THR B 229 -19.88 27.92 2.79
N PRO B 230 -19.84 27.66 1.48
CA PRO B 230 -18.54 27.66 0.82
C PRO B 230 -17.71 28.94 1.05
N THR B 231 -16.39 28.74 1.17
CA THR B 231 -15.43 29.81 1.41
C THR B 231 -14.65 30.08 0.15
N THR B 232 -14.01 29.01 -0.29
CA THR B 232 -13.22 29.00 -1.50
C THR B 232 -14.12 28.69 -2.69
N LEU B 233 -13.90 29.32 -3.81
CA LEU B 233 -14.68 28.99 -4.98
C LEU B 233 -13.94 27.83 -5.57
N ALA B 234 -14.44 27.26 -6.65
CA ALA B 234 -13.75 26.13 -7.23
C ALA B 234 -13.03 26.52 -8.49
N ARG B 235 -12.27 25.56 -8.99
CA ARG B 235 -11.39 25.72 -10.13
C ARG B 235 -12.08 25.12 -11.31
N ALA B 236 -11.81 25.67 -12.47
CA ALA B 236 -12.58 25.41 -13.64
C ALA B 236 -12.84 23.95 -13.92
N GLY B 237 -14.10 23.65 -14.22
CA GLY B 237 -14.56 22.35 -14.62
C GLY B 237 -15.31 21.79 -13.47
N GLU B 238 -14.97 22.30 -12.32
CA GLU B 238 -15.45 21.76 -11.07
C GLU B 238 -16.39 22.69 -10.33
N ARG B 239 -17.18 22.11 -9.47
CA ARG B 239 -18.18 22.82 -8.75
C ARG B 239 -17.78 23.13 -7.35
N THR B 240 -18.27 24.21 -6.83
CA THR B 240 -17.94 24.61 -5.46
C THR B 240 -18.54 23.68 -4.42
N THR B 241 -17.78 23.39 -3.38
CA THR B 241 -18.21 22.53 -2.30
C THR B 241 -18.12 23.24 -0.99
N SER B 242 -18.67 22.63 0.04
CA SER B 242 -18.44 23.03 1.42
C SER B 242 -17.05 22.57 1.80
N ASP B 243 -16.45 23.29 2.73
CA ASP B 243 -15.15 22.87 3.26
C ASP B 243 -15.37 21.89 4.41
N THR B 244 -16.61 21.68 4.81
CA THR B 244 -16.90 20.64 5.78
C THR B 244 -16.87 19.28 5.08
N VAL B 245 -16.07 18.37 5.65
CA VAL B 245 -15.88 17.02 5.17
C VAL B 245 -16.65 16.02 6.05
N TRP B 246 -17.21 14.98 5.44
CA TRP B 246 -17.87 13.93 6.19
C TRP B 246 -17.27 12.60 5.86
N GLN B 247 -16.97 11.82 6.89
CA GLN B 247 -16.62 10.42 6.66
C GLN B 247 -17.90 9.61 6.62
N VAL B 248 -17.98 8.73 5.65
CA VAL B 248 -19.15 7.92 5.42
C VAL B 248 -18.78 6.45 5.44
N LEU B 249 -19.61 5.65 6.12
CA LEU B 249 -19.45 4.19 6.21
C LEU B 249 -20.74 3.48 5.83
N ASN B 250 -20.67 2.60 4.86
CA ASN B 250 -21.81 1.83 4.48
C ASN B 250 -21.64 0.39 4.83
N THR B 251 -22.26 -0.01 5.91
CA THR B 251 -22.20 -1.37 6.34
C THR B 251 -23.19 -2.25 5.69
N ALA B 252 -24.23 -1.71 5.11
CA ALA B 252 -25.22 -2.52 4.47
C ALA B 252 -24.61 -3.36 3.36
N LEU B 258 -24.80 -1.74 -5.36
CA LEU B 258 -24.25 -0.38 -5.42
C LEU B 258 -23.18 -0.32 -6.50
N VAL B 259 -23.54 0.27 -7.64
CA VAL B 259 -22.64 0.32 -8.79
C VAL B 259 -21.97 1.67 -8.88
N THR B 260 -20.72 1.64 -9.32
CA THR B 260 -19.89 2.82 -9.28
C THR B 260 -19.11 2.95 -10.57
N PRO B 261 -19.03 4.17 -11.11
CA PRO B 261 -18.11 4.39 -12.23
C PRO B 261 -16.67 4.03 -11.88
N PRO B 262 -15.91 3.52 -12.84
CA PRO B 262 -14.52 3.24 -12.51
C PRO B 262 -13.80 4.57 -12.32
N PRO B 263 -12.63 4.57 -11.69
CA PRO B 263 -11.93 3.49 -11.00
C PRO B 263 -12.19 3.41 -9.50
N PHE B 264 -13.40 3.65 -9.01
CA PHE B 264 -13.54 3.64 -7.55
C PHE B 264 -14.56 2.66 -7.02
N ASN B 265 -14.77 1.59 -7.72
CA ASN B 265 -15.61 0.54 -7.23
C ASN B 265 -14.96 -0.11 -6.05
N TRP B 266 -13.66 -0.13 -6.03
CA TRP B 266 -12.98 -0.64 -4.85
C TRP B 266 -13.30 0.18 -3.60
N LEU B 267 -13.30 1.50 -3.75
CA LEU B 267 -13.57 2.42 -2.65
C LEU B 267 -14.99 2.28 -2.10
N VAL B 268 -15.98 2.17 -2.94
CA VAL B 268 -17.33 2.01 -2.46
C VAL B 268 -17.59 0.65 -1.92
N LYS B 269 -17.07 -0.35 -2.58
CA LYS B 269 -17.26 -1.69 -2.23
C LYS B 269 -16.51 -1.99 -0.95
N GLY B 270 -15.55 -1.16 -0.65
CA GLY B 270 -14.77 -1.29 0.55
C GLY B 270 -15.46 -0.64 1.70
N GLY B 271 -16.50 0.10 1.41
CA GLY B 271 -17.43 0.53 2.43
C GLY B 271 -17.29 1.90 3.05
N TRP B 272 -16.14 2.56 2.91
CA TRP B 272 -16.03 3.88 3.53
C TRP B 272 -15.14 4.79 2.72
N TRP B 273 -15.46 6.08 2.83
CA TRP B 273 -14.85 7.18 2.08
C TRP B 273 -15.24 8.56 2.65
N PHE B 274 -14.80 9.61 1.96
CA PHE B 274 -15.07 10.99 2.39
C PHE B 274 -15.86 11.76 1.35
N VAL B 275 -16.66 12.71 1.83
CA VAL B 275 -17.47 13.53 0.95
C VAL B 275 -17.51 15.02 1.38
N LYS B 276 -17.75 15.88 0.40
CA LYS B 276 -18.06 17.25 0.60
C LYS B 276 -19.31 17.60 -0.15
N LEU B 277 -20.23 18.29 0.50
CA LEU B 277 -21.45 18.78 -0.12
C LEU B 277 -21.15 19.73 -1.27
N ILE B 278 -21.76 19.49 -2.42
CA ILE B 278 -21.60 20.38 -3.57
C ILE B 278 -22.60 21.51 -3.42
N ALA B 279 -22.15 22.74 -3.62
CA ALA B 279 -22.96 23.93 -3.42
C ALA B 279 -24.23 23.97 -4.27
N GLY B 280 -24.12 23.75 -5.57
CA GLY B 280 -25.33 23.75 -6.37
C GLY B 280 -26.17 22.48 -6.29
N ARG B 281 -27.44 22.59 -6.67
CA ARG B 281 -28.31 21.43 -6.73
C ARG B 281 -28.18 20.78 -8.10
N THR B 282 -28.39 19.47 -8.18
CA THR B 282 -28.29 18.79 -9.46
C THR B 282 -29.67 18.25 -9.88
N ARG B 283 -30.14 17.24 -9.15
CA ARG B 283 -31.48 16.64 -9.31
C ARG B 283 -32.45 17.36 -8.34
N THR B 284 -33.75 17.37 -8.59
CA THR B 284 -34.65 17.91 -7.54
C THR B 284 -34.72 16.88 -6.43
N GLY B 285 -34.95 17.34 -5.19
CA GLY B 285 -35.07 16.45 -4.04
C GLY B 285 -33.82 15.66 -3.67
N SER B 286 -32.69 15.93 -4.29
CA SER B 286 -31.46 15.25 -3.99
C SER B 286 -30.43 16.27 -3.66
N ARG B 287 -29.44 15.86 -2.90
CA ARG B 287 -28.23 16.65 -2.74
C ARG B 287 -27.02 15.86 -3.24
N SER B 288 -26.00 16.54 -3.74
CA SER B 288 -24.89 15.87 -4.37
C SER B 288 -23.53 16.14 -3.68
N PHE B 289 -22.64 15.16 -3.75
CA PHE B 289 -21.35 15.20 -3.09
C PHE B 289 -20.25 14.80 -4.03
N TYR B 290 -19.10 15.45 -3.87
CA TYR B 290 -17.86 14.91 -4.39
C TYR B 290 -17.34 13.85 -3.41
N VAL B 291 -16.62 12.89 -3.95
CA VAL B 291 -16.10 11.78 -3.18
C VAL B 291 -14.58 11.87 -3.11
N TYR B 292 -14.04 11.57 -1.94
CA TYR B 292 -12.60 11.64 -1.78
C TYR B 292 -12.09 10.34 -1.19
N PRO B 293 -11.04 9.77 -1.78
CA PRO B 293 -10.56 8.46 -1.32
C PRO B 293 -9.72 8.52 -0.07
N SER B 294 -9.49 9.72 0.42
CA SER B 294 -8.73 9.89 1.64
C SER B 294 -9.09 11.21 2.26
N TYR B 295 -8.83 11.36 3.56
CA TYR B 295 -9.12 12.63 4.21
C TYR B 295 -8.18 13.71 3.68
N GLN B 296 -6.95 13.37 3.39
CA GLN B 296 -6.05 14.37 2.88
C GLN B 296 -6.49 14.86 1.52
N ASP B 297 -6.92 13.97 0.66
CA ASP B 297 -7.47 14.40 -0.62
C ASP B 297 -8.64 15.36 -0.47
N ALA B 298 -9.46 15.12 0.56
CA ALA B 298 -10.61 15.96 0.85
C ALA B 298 -10.18 17.37 1.28
N LEU B 299 -9.24 17.48 2.22
CA LEU B 299 -8.81 18.80 2.64
C LEU B 299 -8.08 19.53 1.51
N SER B 300 -7.45 18.78 0.60
CA SER B 300 -6.70 19.35 -0.54
C SER B 300 -7.53 19.56 -1.81
N ASN B 301 -8.83 19.27 -1.76
CA ASN B 301 -9.70 19.30 -2.94
C ASN B 301 -9.24 18.50 -4.14
N LYS B 302 -8.85 17.27 -3.92
CA LYS B 302 -8.54 16.34 -4.97
C LYS B 302 -9.56 15.26 -5.00
N PRO B 303 -10.65 15.54 -5.66
CA PRO B 303 -11.76 14.59 -5.75
C PRO B 303 -11.35 13.38 -6.54
N ALA B 304 -12.01 12.27 -6.27
CA ALA B 304 -11.86 11.10 -7.10
C ALA B 304 -12.38 11.43 -8.50
N LEU B 305 -11.55 11.24 -9.52
CA LEU B 305 -11.97 11.47 -10.91
C LEU B 305 -12.26 10.15 -11.61
N CYS B 306 -13.39 10.06 -12.28
CA CYS B 306 -13.73 8.82 -12.97
C CYS B 306 -12.96 8.59 -14.26
N THR B 307 -13.03 7.37 -14.75
CA THR B 307 -12.36 7.02 -16.01
C THR B 307 -13.38 6.45 -16.95
N GLY B 308 -14.64 6.59 -16.56
CA GLY B 308 -15.77 6.09 -17.31
C GLY B 308 -17.08 6.42 -16.60
N SER B 309 -18.17 5.85 -17.09
CA SER B 309 -19.46 6.03 -16.45
C SER B 309 -19.94 4.72 -15.88
N THR B 310 -20.99 4.78 -15.09
CA THR B 310 -21.62 3.59 -14.62
C THR B 310 -22.20 2.89 -15.81
N PRO B 311 -22.41 1.59 -15.68
CA PRO B 311 -23.01 0.84 -16.81
C PRO B 311 -24.43 1.29 -17.22
N PRO B 319 -32.80 3.73 -7.55
CA PRO B 319 -31.98 3.86 -6.36
C PRO B 319 -32.22 2.82 -5.27
N VAL B 320 -31.13 2.64 -4.53
CA VAL B 320 -30.96 1.60 -3.54
C VAL B 320 -30.82 2.19 -2.16
N THR B 321 -31.66 1.80 -1.22
CA THR B 321 -31.56 2.33 0.12
C THR B 321 -30.37 1.65 0.78
N THR B 322 -29.64 2.37 1.60
CA THR B 322 -28.54 1.78 2.31
C THR B 322 -28.43 2.37 3.66
N THR B 323 -27.60 1.78 4.49
CA THR B 323 -27.44 2.32 5.78
C THR B 323 -26.06 2.90 5.93
N LEU B 324 -26.03 4.13 6.43
CA LEU B 324 -24.84 4.93 6.51
C LEU B 324 -24.43 5.59 7.79
N GLN B 325 -23.31 5.23 8.36
CA GLN B 325 -22.78 5.94 9.51
C GLN B 325 -21.94 7.08 9.01
N PHE B 326 -22.12 8.27 9.57
CA PHE B 326 -21.34 9.40 9.12
C PHE B 326 -20.76 10.19 10.27
N THR B 327 -19.62 10.80 10.01
CA THR B 327 -18.93 11.55 11.03
C THR B 327 -18.46 12.86 10.43
N GLN B 328 -18.80 13.97 11.07
CA GLN B 328 -18.31 15.26 10.63
C GLN B 328 -16.81 15.39 10.99
N MET B 329 -15.97 15.50 9.98
CA MET B 329 -14.52 15.47 10.20
C MET B 329 -13.97 16.76 10.79
N ASN B 330 -14.57 17.88 10.40
CA ASN B 330 -14.04 19.18 10.76
C ASN B 330 -15.07 20.30 10.78
N GLN B 331 -14.67 21.48 11.23
CA GLN B 331 -15.56 22.62 11.20
C GLN B 331 -14.78 23.88 11.04
N PRO B 332 -14.54 24.30 9.79
CA PRO B 332 -13.67 25.41 9.41
C PRO B 332 -14.11 26.80 9.89
N SER B 333 -13.15 27.74 9.95
CA SER B 333 -13.36 29.13 10.36
C SER B 333 -14.20 29.28 11.63
#